data_3KMB
#
_entry.id   3KMB
#
_cell.length_a   79.100
_cell.length_b   84.900
_cell.length_c   97.200
_cell.angle_alpha   90.00
_cell.angle_beta   106.60
_cell.angle_gamma   90.00
#
_symmetry.space_group_name_H-M   'C 1 2 1'
#
loop_
_entity.id
_entity.type
_entity.pdbx_description
1 polymer 'MANNOSE-BINDING PROTEIN-A'
2 branched 'alpha-L-fucopyranose-(1-3)-[3-O-sulfo-beta-D-galactopyranose-(1-4)]methyl 2-acetamido-2-deoxy-beta-D-glucopyranoside'
3 branched alpha-L-fucopyranose-(1-3)-[3-O-sulfo-beta-D-galactopyranose-(1-4)]2-acetamido-2-deoxy-beta-D-glucopyranose
4 non-polymer 'CALCIUM ION'
5 non-polymer 'CHLORIDE ION'
6 non-polymer alpha-L-fucopyranose
7 water water
#
_entity_poly.entity_id   1
_entity_poly.type   'polypeptide(L)'
_entity_poly.pdbx_seq_one_letter_code
;AIEVKLANMEAEINTLKSKLELTNKLHAFSMGKKSGKKFFVTNHERMPFSKVKALCSELRGTVAIPRNAEENKAIQEVAK
TSAFLGITDEVTEGQFMYVTGGRLTYSNWKKDEPNDHGSGEDCVTIVDNGLWNDISCQKKKTAVCEFPA
;
_entity_poly.pdbx_strand_id   1,2,3
#
loop_
_chem_comp.id
_chem_comp.type
_chem_comp.name
_chem_comp.formula
CA non-polymer 'CALCIUM ION' 'Ca 2'
CL non-polymer 'CHLORIDE ION' 'Cl -1'
FUC L-saccharide, alpha linking alpha-L-fucopyranose 'C6 H12 O5'
MAG D-saccharide 'methyl 2-acetamido-2-deoxy-beta-D-glucopyranoside' 'C9 H17 N O6'
NAG D-saccharide, beta linking 2-acetamido-2-deoxy-beta-D-glucopyranose 'C8 H15 N O6'
SGA D-saccharide, beta linking 3-O-sulfo-beta-D-galactopyranose 'C6 H12 O9 S'
#
# COMPACT_ATOMS: atom_id res chain seq x y z
N ALA A 1 2.88 -41.41 9.70
CA ALA A 1 4.11 -41.27 10.52
C ALA A 1 4.08 -39.90 11.16
N ILE A 2 4.01 -39.89 12.48
CA ILE A 2 3.93 -38.67 13.26
C ILE A 2 5.15 -37.78 13.09
N GLU A 3 6.33 -38.37 13.04
CA GLU A 3 7.55 -37.60 12.91
C GLU A 3 7.70 -36.99 11.51
N VAL A 4 7.25 -37.71 10.49
CA VAL A 4 7.30 -37.19 9.13
C VAL A 4 6.38 -35.96 9.06
N LYS A 5 5.20 -36.07 9.69
CA LYS A 5 4.23 -34.98 9.72
C LYS A 5 4.74 -33.77 10.50
N LEU A 6 5.49 -34.00 11.58
CA LEU A 6 6.05 -32.92 12.38
C LEU A 6 7.10 -32.15 11.59
N ALA A 7 7.94 -32.89 10.87
CA ALA A 7 8.99 -32.28 10.04
C ALA A 7 8.35 -31.47 8.92
N ASN A 8 7.21 -31.95 8.39
CA ASN A 8 6.52 -31.20 7.36
C ASN A 8 5.97 -29.92 7.97
N MET A 9 5.41 -30.03 9.18
CA MET A 9 4.87 -28.87 9.85
C MET A 9 5.94 -27.81 10.06
N GLU A 10 7.15 -28.23 10.42
CA GLU A 10 8.26 -27.30 10.60
C GLU A 10 8.57 -26.59 9.28
N ALA A 11 8.60 -27.38 8.20
CA ALA A 11 8.87 -26.85 6.86
C ALA A 11 7.78 -25.87 6.45
N GLU A 12 6.53 -26.19 6.79
CA GLU A 12 5.39 -25.34 6.47
C GLU A 12 5.48 -24.01 7.22
N ILE A 13 5.81 -24.11 8.51
CA ILE A 13 5.95 -22.95 9.37
C ILE A 13 7.08 -22.06 8.87
N ASN A 14 8.21 -22.65 8.55
CA ASN A 14 9.35 -21.89 8.04
C ASN A 14 9.03 -21.20 6.72
N THR A 15 8.35 -21.90 5.85
CA THR A 15 7.95 -21.35 4.56
C THR A 15 7.04 -20.13 4.79
N LEU A 16 6.10 -20.28 5.71
CA LEU A 16 5.17 -19.21 6.05
C LEU A 16 5.89 -17.99 6.62
N LYS A 17 6.85 -18.24 7.51
CA LYS A 17 7.64 -17.16 8.10
C LYS A 17 8.39 -16.38 7.02
N SER A 18 8.98 -17.09 6.08
CA SER A 18 9.71 -16.45 4.98
C SER A 18 8.76 -15.63 4.10
N LYS A 19 7.58 -16.17 3.80
CA LYS A 19 6.63 -15.45 2.96
C LYS A 19 6.05 -14.22 3.64
N LEU A 20 5.81 -14.32 4.94
CA LEU A 20 5.29 -13.17 5.69
C LEU A 20 6.34 -12.05 5.67
N GLU A 21 7.62 -12.42 5.82
CA GLU A 21 8.67 -11.43 5.80
C GLU A 21 8.75 -10.76 4.44
N LEU A 22 8.57 -11.55 3.38
CA LEU A 22 8.59 -11.01 2.02
C LEU A 22 7.42 -10.06 1.80
N THR A 23 6.28 -10.39 2.39
CA THR A 23 5.10 -9.54 2.30
C THR A 23 5.37 -8.22 3.02
N ASN A 24 6.05 -8.28 4.18
CA ASN A 24 6.38 -7.06 4.92
C ASN A 24 7.37 -6.20 4.13
N LYS A 25 8.35 -6.86 3.51
CA LYS A 25 9.35 -6.18 2.69
C LYS A 25 8.70 -5.51 1.49
N LEU A 26 7.80 -6.22 0.82
CA LEU A 26 7.09 -5.67 -0.33
C LEU A 26 6.24 -4.48 0.08
N HIS A 27 5.51 -4.60 1.19
CA HIS A 27 4.69 -3.50 1.66
C HIS A 27 5.54 -2.26 1.95
N ALA A 28 6.65 -2.42 2.68
CA ALA A 28 7.53 -1.29 2.99
C ALA A 28 8.00 -0.60 1.72
N PHE A 29 8.47 -1.41 0.76
CA PHE A 29 8.97 -0.92 -0.53
C PHE A 29 7.89 -0.12 -1.25
N SER A 30 6.66 -0.65 -1.30
CA SER A 30 5.55 0.02 -1.96
C SER A 30 5.13 1.27 -1.20
N MET A 31 5.56 1.37 0.06
CA MET A 31 5.27 2.54 0.89
C MET A 31 6.39 3.59 0.77
N GLY A 32 7.32 3.35 -0.14
CA GLY A 32 8.40 4.30 -0.34
C GLY A 32 9.64 4.12 0.51
N LYS A 33 9.79 2.97 1.15
CA LYS A 33 10.96 2.73 1.97
C LYS A 33 12.19 2.66 1.07
N LYS A 34 13.17 3.51 1.35
CA LYS A 34 14.40 3.53 0.57
C LYS A 34 15.32 2.53 1.24
N SER A 35 16.16 1.86 0.45
CA SER A 35 17.07 0.85 0.95
C SER A 35 17.92 1.31 2.13
N GLY A 36 17.84 0.56 3.23
CA GLY A 36 18.59 0.88 4.44
C GLY A 36 18.15 2.12 5.19
N LYS A 37 16.99 2.66 4.84
CA LYS A 37 16.45 3.85 5.49
C LYS A 37 15.15 3.48 6.19
N LYS A 38 14.86 4.14 7.31
CA LYS A 38 13.60 3.87 7.98
C LYS A 38 12.55 4.53 7.11
N PHE A 39 11.31 4.06 7.19
CA PHE A 39 10.27 4.68 6.37
C PHE A 39 9.13 5.19 7.22
N PHE A 40 8.37 6.12 6.65
CA PHE A 40 7.25 6.74 7.34
C PHE A 40 5.93 6.42 6.66
N VAL A 41 4.88 6.30 7.46
CA VAL A 41 3.54 6.00 6.95
C VAL A 41 2.52 6.76 7.79
N THR A 42 1.46 7.19 7.14
CA THR A 42 0.39 7.91 7.80
C THR A 42 -0.95 7.50 7.18
N ASN A 43 -2.03 7.62 7.94
CA ASN A 43 -3.37 7.31 7.44
C ASN A 43 -4.10 8.64 7.27
N HIS A 44 -3.37 9.72 7.52
CA HIS A 44 -3.85 11.09 7.41
C HIS A 44 -4.91 11.47 8.44
N GLU A 45 -4.94 10.74 9.55
CA GLU A 45 -5.90 11.02 10.59
C GLU A 45 -5.27 11.93 11.64
N ARG A 46 -6.04 12.91 12.10
CA ARG A 46 -5.57 13.83 13.11
C ARG A 46 -6.04 13.35 14.48
N MET A 47 -5.13 13.35 15.45
CA MET A 47 -5.45 12.91 16.81
C MET A 47 -4.46 13.49 17.83
N PRO A 48 -4.83 13.50 19.12
CA PRO A 48 -3.95 14.03 20.16
C PRO A 48 -2.70 13.17 20.20
N PHE A 49 -1.58 13.74 20.66
CA PHE A 49 -0.32 13.04 20.70
C PHE A 49 -0.36 11.66 21.35
N SER A 50 -1.05 11.54 22.48
CA SER A 50 -1.14 10.26 23.16
C SER A 50 -1.71 9.16 22.26
N LYS A 51 -2.67 9.53 21.42
CA LYS A 51 -3.29 8.56 20.53
C LYS A 51 -2.35 8.13 19.41
N VAL A 52 -1.56 9.07 18.89
CA VAL A 52 -0.59 8.78 17.84
C VAL A 52 0.45 7.84 18.41
N LYS A 53 0.94 8.15 19.60
CA LYS A 53 1.95 7.34 20.25
C LYS A 53 1.43 5.91 20.48
N ALA A 54 0.19 5.79 20.97
CA ALA A 54 -0.39 4.48 21.21
C ALA A 54 -0.53 3.72 19.90
N LEU A 55 -1.08 4.38 18.90
CA LEU A 55 -1.28 3.80 17.58
C LEU A 55 0.03 3.31 16.94
N CYS A 56 1.05 4.15 16.90
CA CYS A 56 2.32 3.74 16.31
C CYS A 56 2.93 2.55 17.04
N SER A 57 2.88 2.55 18.37
CA SER A 57 3.44 1.46 19.16
C SER A 57 2.70 0.16 18.89
N GLU A 58 1.41 0.28 18.63
CA GLU A 58 0.57 -0.86 18.32
C GLU A 58 1.02 -1.48 17.00
N LEU A 59 1.59 -0.64 16.13
CA LEU A 59 2.09 -1.09 14.83
C LEU A 59 3.57 -1.44 14.87
N ARG A 60 4.15 -1.44 16.08
CA ARG A 60 5.57 -1.73 16.26
C ARG A 60 6.46 -0.69 15.59
N GLY A 61 6.02 0.57 15.68
CA GLY A 61 6.77 1.67 15.12
C GLY A 61 6.75 2.75 16.19
N THR A 62 7.18 3.95 15.85
CA THR A 62 7.16 5.04 16.83
C THR A 62 6.71 6.31 16.13
N VAL A 63 6.30 7.32 16.89
CA VAL A 63 5.90 8.60 16.30
C VAL A 63 7.13 9.08 15.51
N ALA A 64 6.92 9.51 14.28
CA ALA A 64 7.99 9.97 13.40
C ALA A 64 8.99 10.93 14.06
N ILE A 65 10.28 10.65 13.87
CA ILE A 65 11.39 11.46 14.42
C ILE A 65 12.39 11.86 13.32
N PRO A 66 12.45 13.17 12.97
CA PRO A 66 13.39 13.64 11.93
C PRO A 66 14.74 13.79 12.60
N ARG A 67 15.71 12.98 12.19
CA ARG A 67 17.05 13.06 12.79
C ARG A 67 18.04 13.82 11.92
N ASN A 68 17.55 14.29 10.78
CA ASN A 68 18.36 15.05 9.84
C ASN A 68 17.42 15.68 8.81
N ALA A 69 17.97 16.55 7.97
CA ALA A 69 17.16 17.24 6.97
C ALA A 69 16.46 16.33 5.97
N GLU A 70 17.14 15.26 5.54
CA GLU A 70 16.57 14.33 4.58
C GLU A 70 15.31 13.69 5.15
N GLU A 71 15.41 13.22 6.38
CA GLU A 71 14.29 12.59 7.08
C GLU A 71 13.19 13.60 7.32
N ASN A 72 13.58 14.83 7.61
CA ASN A 72 12.61 15.89 7.87
C ASN A 72 11.81 16.13 6.61
N LYS A 73 12.51 16.14 5.48
CA LYS A 73 11.87 16.34 4.18
C LYS A 73 10.96 15.15 3.87
N ALA A 74 11.43 13.94 4.16
CA ALA A 74 10.63 12.73 3.92
C ALA A 74 9.31 12.75 4.71
N ILE A 75 9.38 13.13 5.99
CA ILE A 75 8.22 13.21 6.87
C ILE A 75 7.24 14.29 6.40
N GLN A 76 7.78 15.43 6.02
CA GLN A 76 6.98 16.54 5.52
C GLN A 76 6.17 16.08 4.31
N GLU A 77 6.82 15.34 3.42
CA GLU A 77 6.16 14.85 2.20
C GLU A 77 5.09 13.79 2.44
N VAL A 78 5.32 12.94 3.43
CA VAL A 78 4.37 11.89 3.77
C VAL A 78 3.13 12.49 4.45
N ALA A 79 3.37 13.35 5.44
CA ALA A 79 2.31 13.98 6.23
C ALA A 79 1.37 14.91 5.48
N LYS A 80 1.94 15.80 4.67
CA LYS A 80 1.18 16.77 3.88
C LYS A 80 0.46 17.88 4.69
N THR A 81 0.38 17.70 6.00
CA THR A 81 -0.25 18.68 6.91
C THR A 81 0.58 18.65 8.19
N SER A 82 0.19 19.46 9.18
CA SER A 82 0.93 19.49 10.44
C SER A 82 0.80 18.15 11.14
N ALA A 83 1.94 17.61 11.57
CA ALA A 83 1.93 16.31 12.22
C ALA A 83 2.82 16.31 13.44
N PHE A 84 2.47 15.48 14.41
CA PHE A 84 3.28 15.36 15.62
C PHE A 84 4.57 14.62 15.30
N LEU A 85 5.64 14.97 16.02
CA LEU A 85 6.93 14.32 15.88
C LEU A 85 7.16 13.58 17.19
N GLY A 86 8.06 12.59 17.18
CA GLY A 86 8.35 11.83 18.39
C GLY A 86 9.34 12.57 19.28
N ILE A 87 9.02 13.82 19.58
CA ILE A 87 9.87 14.70 20.41
C ILE A 87 8.98 15.51 21.35
N THR A 88 9.36 15.57 22.63
CA THR A 88 8.60 16.31 23.65
C THR A 88 9.51 16.77 24.79
N ASP A 89 9.06 17.77 25.54
CA ASP A 89 9.81 18.22 26.72
C ASP A 89 8.90 18.05 27.95
N GLU A 90 8.10 16.99 27.94
CA GLU A 90 7.17 16.67 29.03
C GLU A 90 7.89 16.29 30.33
N VAL A 91 9.01 15.59 30.19
CA VAL A 91 9.76 15.14 31.36
C VAL A 91 10.45 16.27 32.13
N THR A 92 11.08 17.19 31.40
CA THR A 92 11.74 18.32 32.02
C THR A 92 11.56 19.49 31.07
N GLU A 93 10.78 20.48 31.49
CA GLU A 93 10.52 21.65 30.68
C GLU A 93 11.80 22.26 30.12
N GLY A 94 11.81 22.47 28.81
CA GLY A 94 12.96 23.07 28.16
C GLY A 94 13.92 22.09 27.52
N GLN A 95 13.92 20.85 27.99
CA GLN A 95 14.80 19.84 27.44
C GLN A 95 14.03 18.84 26.59
N PHE A 96 14.12 18.99 25.28
CA PHE A 96 13.41 18.10 24.39
C PHE A 96 14.12 16.77 24.26
N MET A 97 13.32 15.70 24.35
CA MET A 97 13.82 14.34 24.28
C MET A 97 13.04 13.56 23.25
N TYR A 98 13.67 12.56 22.67
CA TYR A 98 13.00 11.70 21.70
C TYR A 98 12.14 10.75 22.54
N VAL A 99 10.97 10.38 22.03
CA VAL A 99 10.05 9.48 22.75
C VAL A 99 10.72 8.15 23.07
N THR A 100 11.70 7.77 22.27
CA THR A 100 12.44 6.53 22.46
C THR A 100 13.74 6.73 23.26
N GLY A 101 13.98 7.95 23.72
CA GLY A 101 15.17 8.23 24.50
C GLY A 101 16.26 9.09 23.89
N GLY A 102 16.87 9.90 24.75
CA GLY A 102 17.94 10.76 24.31
C GLY A 102 17.53 12.19 24.12
N ARG A 103 18.49 13.09 24.29
CA ARG A 103 18.25 14.53 24.13
C ARG A 103 18.24 14.85 22.66
N LEU A 104 17.45 15.85 22.30
CA LEU A 104 17.32 16.29 20.92
C LEU A 104 18.67 16.81 20.40
N THR A 105 19.01 16.41 19.18
CA THR A 105 20.24 16.87 18.57
C THR A 105 19.81 17.75 17.40
N TYR A 106 19.61 17.13 16.23
CA TYR A 106 19.15 17.88 15.06
C TYR A 106 17.80 18.51 15.37
N SER A 107 17.62 19.77 14.96
CA SER A 107 16.36 20.46 15.18
C SER A 107 16.08 21.36 13.98
N ASN A 108 14.81 21.70 13.78
CA ASN A 108 14.42 22.56 12.67
C ASN A 108 13.33 23.52 13.11
N TRP A 109 13.51 24.13 14.29
CA TRP A 109 12.55 25.06 14.85
C TRP A 109 12.23 26.26 14.00
N LYS A 110 10.97 26.65 14.04
CA LYS A 110 10.47 27.81 13.34
C LYS A 110 11.03 29.00 14.14
N LYS A 111 11.07 30.18 13.54
CA LYS A 111 11.57 31.36 14.22
C LYS A 111 10.74 31.62 15.47
N ASP A 112 11.42 31.92 16.57
CA ASP A 112 10.76 32.22 17.85
C ASP A 112 10.10 31.03 18.56
N GLU A 113 10.48 29.81 18.17
CA GLU A 113 9.96 28.59 18.78
C GLU A 113 11.18 27.79 19.20
N PRO A 114 11.06 26.93 20.22
CA PRO A 114 9.88 26.61 21.03
C PRO A 114 9.61 27.71 22.07
N ASN A 115 8.35 28.07 22.27
CA ASN A 115 8.03 29.14 23.21
C ASN A 115 7.20 28.71 24.42
N ASP A 116 6.87 27.42 24.51
CA ASP A 116 6.04 26.88 25.60
C ASP A 116 4.94 27.90 25.89
N HIS A 117 4.21 28.26 24.83
CA HIS A 117 3.18 29.28 24.93
C HIS A 117 2.09 29.11 25.99
N GLY A 118 1.85 30.19 26.71
CA GLY A 118 0.83 30.24 27.73
C GLY A 118 0.96 29.19 28.81
N SER A 119 -0.13 28.44 29.03
CA SER A 119 -0.15 27.39 30.04
C SER A 119 0.91 26.33 29.74
N GLY A 120 1.37 26.30 28.49
CA GLY A 120 2.40 25.35 28.12
C GLY A 120 2.18 24.55 26.86
N GLU A 121 3.30 24.17 26.23
CA GLU A 121 3.33 23.36 25.03
C GLU A 121 4.51 22.40 25.16
N ASP A 122 4.22 21.10 25.28
CA ASP A 122 5.25 20.09 25.44
C ASP A 122 5.48 19.15 24.27
N CYS A 123 4.63 19.23 23.26
CA CYS A 123 4.76 18.40 22.08
C CYS A 123 5.33 19.21 20.92
N VAL A 124 5.62 18.54 19.81
CA VAL A 124 6.22 19.19 18.65
C VAL A 124 5.55 18.74 17.36
N THR A 125 5.26 19.68 16.48
CA THR A 125 4.68 19.34 15.20
C THR A 125 5.59 19.83 14.09
N ILE A 126 5.55 19.12 12.97
CA ILE A 126 6.29 19.55 11.81
C ILE A 126 5.18 20.28 11.04
N VAL A 127 5.41 21.56 10.78
CA VAL A 127 4.43 22.40 10.11
C VAL A 127 4.81 22.84 8.69
N ASP A 128 4.58 24.12 8.42
CA ASP A 128 4.83 24.73 7.11
C ASP A 128 6.31 24.83 6.74
N ASN A 129 6.61 24.39 5.53
CA ASN A 129 7.96 24.37 4.99
C ASN A 129 8.84 23.43 5.79
N GLY A 130 8.22 22.49 6.50
CA GLY A 130 8.96 21.52 7.31
C GLY A 130 9.55 22.02 8.63
N LEU A 131 9.27 23.27 9.00
CA LEU A 131 9.78 23.81 10.24
C LEU A 131 8.97 23.22 11.39
N TRP A 132 9.51 23.33 12.60
CA TRP A 132 8.84 22.79 13.78
C TRP A 132 8.31 23.87 14.71
N ASN A 133 7.30 23.49 15.48
CA ASN A 133 6.68 24.37 16.47
C ASN A 133 6.21 23.53 17.65
N ASP A 134 6.44 23.99 18.87
CA ASP A 134 5.95 23.23 20.03
C ASP A 134 4.49 23.57 20.23
N ILE A 135 3.69 22.58 20.60
CA ILE A 135 2.27 22.77 20.81
C ILE A 135 1.76 21.87 21.91
N SER A 136 0.54 22.14 22.35
CA SER A 136 -0.11 21.33 23.37
C SER A 136 -0.27 19.91 22.85
N CYS A 137 0.06 18.94 23.68
CA CYS A 137 -0.06 17.54 23.31
C CYS A 137 -1.52 17.14 23.13
N GLN A 138 -2.42 17.99 23.62
CA GLN A 138 -3.85 17.72 23.52
C GLN A 138 -4.41 18.04 22.15
N LYS A 139 -3.69 18.88 21.39
CA LYS A 139 -4.12 19.25 20.05
C LYS A 139 -4.15 18.01 19.15
N LYS A 140 -4.96 18.07 18.10
CA LYS A 140 -5.11 16.96 17.18
C LYS A 140 -4.28 17.23 15.95
N LYS A 141 -3.26 16.42 15.70
CA LYS A 141 -2.41 16.59 14.53
C LYS A 141 -2.30 15.25 13.79
N THR A 142 -1.87 15.30 12.53
CA THR A 142 -1.74 14.09 11.72
C THR A 142 -0.79 13.07 12.36
N ALA A 143 -1.22 11.81 12.33
CA ALA A 143 -0.45 10.69 12.87
C ALA A 143 0.47 10.10 11.79
N VAL A 144 1.78 10.23 12.01
CA VAL A 144 2.77 9.71 11.09
C VAL A 144 3.70 8.84 11.94
N CYS A 145 3.85 7.58 11.53
CA CYS A 145 4.71 6.65 12.27
C CYS A 145 5.94 6.36 11.45
N GLU A 146 7.02 6.01 12.12
CA GLU A 146 8.25 5.63 11.43
C GLU A 146 8.53 4.20 11.81
N PHE A 147 9.08 3.45 10.87
CA PHE A 147 9.42 2.05 11.10
C PHE A 147 10.90 1.87 10.82
N PRO A 148 11.57 0.98 11.57
CA PRO A 148 13.00 0.67 11.45
C PRO A 148 13.55 0.49 10.03
N ALA A 149 14.82 0.83 9.88
CA ALA A 149 15.51 0.73 8.60
C ALA A 149 15.87 -0.71 8.24
N ALA B 1 -4.70 -38.19 21.08
CA ALA B 1 -4.37 -36.75 21.34
C ALA B 1 -3.33 -36.21 20.36
N ILE B 2 -2.09 -36.70 20.43
CA ILE B 2 -1.01 -36.23 19.55
C ILE B 2 -1.42 -36.08 18.08
N GLU B 3 -1.98 -37.13 17.50
CA GLU B 3 -2.43 -37.09 16.10
C GLU B 3 -3.55 -36.09 15.84
N VAL B 4 -4.44 -35.93 16.81
CA VAL B 4 -5.56 -34.98 16.71
C VAL B 4 -5.04 -33.56 16.82
N LYS B 5 -4.13 -33.36 17.76
CA LYS B 5 -3.51 -32.07 18.01
C LYS B 5 -2.71 -31.67 16.76
N LEU B 6 -2.04 -32.65 16.16
CA LEU B 6 -1.25 -32.41 14.96
C LEU B 6 -2.15 -32.04 13.77
N ALA B 7 -3.22 -32.80 13.57
CA ALA B 7 -4.16 -32.55 12.48
C ALA B 7 -4.79 -31.17 12.63
N ASN B 8 -5.14 -30.82 13.85
CA ASN B 8 -5.74 -29.51 14.13
C ASN B 8 -4.76 -28.40 13.77
N MET B 9 -3.48 -28.62 14.07
CA MET B 9 -2.45 -27.63 13.79
C MET B 9 -2.20 -27.47 12.31
N GLU B 10 -2.28 -28.57 11.57
CA GLU B 10 -2.08 -28.53 10.13
C GLU B 10 -3.22 -27.69 9.52
N ALA B 11 -4.43 -27.83 10.08
CA ALA B 11 -5.57 -27.07 9.59
C ALA B 11 -5.33 -25.58 9.84
N GLU B 12 -4.79 -25.26 11.02
CA GLU B 12 -4.46 -23.87 11.39
C GLU B 12 -3.49 -23.25 10.41
N ILE B 13 -2.43 -23.99 10.08
CA ILE B 13 -1.43 -23.51 9.17
C ILE B 13 -2.01 -23.24 7.78
N ASN B 14 -2.84 -24.15 7.30
CA ASN B 14 -3.45 -23.98 5.98
C ASN B 14 -4.30 -22.72 5.94
N THR B 15 -5.02 -22.50 7.04
CA THR B 15 -5.88 -21.32 7.18
C THR B 15 -5.04 -20.05 7.18
N LEU B 16 -3.90 -20.07 7.88
CA LEU B 16 -2.99 -18.92 7.95
C LEU B 16 -2.39 -18.63 6.58
N LYS B 17 -2.05 -19.68 5.85
CA LYS B 17 -1.49 -19.56 4.52
C LYS B 17 -2.50 -18.86 3.59
N SER B 18 -3.78 -19.21 3.74
CA SER B 18 -4.83 -18.56 2.94
C SER B 18 -4.92 -17.08 3.31
N LYS B 19 -4.86 -16.80 4.61
CA LYS B 19 -4.95 -15.43 5.09
C LYS B 19 -3.84 -14.54 4.54
N LEU B 20 -2.62 -15.08 4.52
CA LEU B 20 -1.50 -14.33 4.01
C LEU B 20 -1.70 -14.06 2.53
N GLU B 21 -2.20 -15.06 1.82
CA GLU B 21 -2.43 -14.90 0.40
C GLU B 21 -3.45 -13.77 0.18
N LEU B 22 -4.43 -13.67 1.08
CA LEU B 22 -5.43 -12.64 0.99
C LEU B 22 -4.76 -11.29 1.24
N THR B 23 -3.85 -11.26 2.21
CA THR B 23 -3.12 -10.03 2.53
C THR B 23 -2.39 -9.57 1.27
N ASN B 24 -1.76 -10.52 0.58
CA ASN B 24 -1.03 -10.22 -0.64
C ASN B 24 -1.93 -9.68 -1.77
N LYS B 25 -3.10 -10.29 -1.94
CA LYS B 25 -4.03 -9.84 -2.97
C LYS B 25 -4.54 -8.43 -2.67
N LEU B 26 -4.91 -8.19 -1.42
CA LEU B 26 -5.40 -6.88 -1.03
C LEU B 26 -4.32 -5.82 -1.15
N HIS B 27 -3.07 -6.17 -0.81
CA HIS B 27 -1.99 -5.19 -0.94
C HIS B 27 -1.84 -4.80 -2.41
N ALA B 28 -1.77 -5.79 -3.29
CA ALA B 28 -1.59 -5.54 -4.73
C ALA B 28 -2.72 -4.67 -5.28
N PHE B 29 -3.94 -5.01 -4.92
CA PHE B 29 -5.14 -4.27 -5.32
C PHE B 29 -5.04 -2.81 -4.88
N SER B 30 -4.74 -2.59 -3.60
CA SER B 30 -4.63 -1.22 -3.07
C SER B 30 -3.52 -0.44 -3.78
N MET B 31 -2.55 -1.16 -4.32
CA MET B 31 -1.42 -0.57 -5.03
C MET B 31 -1.68 -0.41 -6.52
N GLY B 32 -2.90 -0.73 -6.96
CA GLY B 32 -3.22 -0.56 -8.36
C GLY B 32 -3.12 -1.76 -9.30
N LYS B 33 -2.84 -2.95 -8.78
CA LYS B 33 -2.75 -4.10 -9.67
C LYS B 33 -4.11 -4.31 -10.33
N LYS B 34 -4.10 -4.43 -11.65
CA LYS B 34 -5.33 -4.63 -12.40
C LYS B 34 -5.52 -6.12 -12.59
N SER B 35 -6.77 -6.55 -12.65
CA SER B 35 -7.09 -7.96 -12.79
C SER B 35 -6.43 -8.59 -14.03
N GLY B 36 -5.71 -9.69 -13.82
CA GLY B 36 -5.05 -10.39 -14.90
C GLY B 36 -3.82 -9.71 -15.46
N LYS B 37 -3.46 -8.56 -14.89
CA LYS B 37 -2.31 -7.79 -15.35
C LYS B 37 -1.16 -7.88 -14.36
N LYS B 38 0.06 -7.79 -14.86
CA LYS B 38 1.24 -7.85 -13.99
C LYS B 38 1.18 -6.68 -13.05
N PHE B 39 1.76 -6.87 -11.87
CA PHE B 39 1.79 -5.85 -10.83
C PHE B 39 3.16 -5.19 -10.88
N PHE B 40 3.18 -3.89 -11.14
CA PHE B 40 4.42 -3.12 -11.19
C PHE B 40 4.41 -2.19 -9.99
N VAL B 41 5.54 -2.05 -9.32
CA VAL B 41 5.60 -1.21 -8.13
C VAL B 41 6.99 -0.61 -7.94
N THR B 42 7.05 0.58 -7.35
CA THR B 42 8.30 1.26 -7.13
C THR B 42 8.32 1.96 -5.77
N ASN B 43 9.52 2.19 -5.22
CA ASN B 43 9.66 2.92 -3.95
C ASN B 43 10.09 4.34 -4.27
N HIS B 44 10.30 4.60 -5.56
CA HIS B 44 10.70 5.90 -6.10
C HIS B 44 12.15 6.26 -5.81
N GLU B 45 12.96 5.23 -5.57
CA GLU B 45 14.36 5.41 -5.29
C GLU B 45 15.13 5.15 -6.58
N ARG B 46 16.14 5.98 -6.84
CA ARG B 46 16.99 5.85 -8.01
C ARG B 46 18.26 5.14 -7.56
N MET B 47 18.73 4.19 -8.35
CA MET B 47 19.92 3.43 -8.00
C MET B 47 20.47 2.79 -9.27
N PRO B 48 21.71 2.27 -9.19
CA PRO B 48 22.33 1.61 -10.34
C PRO B 48 21.55 0.34 -10.67
N PHE B 49 21.63 -0.10 -11.92
CA PHE B 49 20.92 -1.29 -12.37
C PHE B 49 21.18 -2.51 -11.49
N SER B 50 22.45 -2.73 -11.12
CA SER B 50 22.80 -3.87 -10.27
C SER B 50 22.02 -3.83 -8.96
N LYS B 51 21.86 -2.63 -8.41
CA LYS B 51 21.11 -2.44 -7.17
C LYS B 51 19.64 -2.79 -7.37
N VAL B 52 19.10 -2.38 -8.51
CA VAL B 52 17.70 -2.65 -8.86
C VAL B 52 17.50 -4.16 -8.98
N LYS B 53 18.38 -4.84 -9.71
CA LYS B 53 18.28 -6.28 -9.89
C LYS B 53 18.28 -6.98 -8.54
N ALA B 54 19.13 -6.51 -7.64
CA ALA B 54 19.24 -7.06 -6.29
C ALA B 54 17.97 -6.82 -5.48
N LEU B 55 17.52 -5.57 -5.46
CA LEU B 55 16.32 -5.21 -4.73
C LEU B 55 15.09 -6.01 -5.16
N CYS B 56 14.82 -6.08 -6.47
CA CYS B 56 13.65 -6.83 -6.93
C CYS B 56 13.77 -8.32 -6.63
N SER B 57 14.97 -8.87 -6.80
CA SER B 57 15.18 -10.29 -6.52
C SER B 57 14.93 -10.55 -5.04
N GLU B 58 15.32 -9.61 -4.19
CA GLU B 58 15.13 -9.74 -2.76
C GLU B 58 13.65 -9.77 -2.40
N LEU B 59 12.83 -9.09 -3.20
CA LEU B 59 11.39 -9.05 -2.99
C LEU B 59 10.76 -10.22 -3.72
N ARG B 60 11.61 -11.04 -4.32
CA ARG B 60 11.17 -12.21 -5.08
C ARG B 60 10.35 -11.78 -6.29
N GLY B 61 10.83 -10.71 -6.92
CA GLY B 61 10.19 -10.19 -8.12
C GLY B 61 11.29 -10.07 -9.14
N THR B 62 11.07 -9.27 -10.19
CA THR B 62 12.07 -9.05 -11.22
C THR B 62 11.99 -7.59 -11.68
N VAL B 63 13.04 -7.11 -12.36
CA VAL B 63 13.06 -5.73 -12.85
C VAL B 63 11.96 -5.66 -13.92
N ALA B 64 11.13 -4.63 -13.85
CA ALA B 64 10.01 -4.45 -14.76
C ALA B 64 10.36 -4.60 -16.23
N ILE B 65 9.55 -5.38 -16.95
CA ILE B 65 9.74 -5.62 -18.37
C ILE B 65 8.43 -5.48 -19.13
N PRO B 66 8.37 -4.51 -20.05
CA PRO B 66 7.15 -4.29 -20.86
C PRO B 66 7.19 -5.27 -22.05
N ARG B 67 6.18 -6.13 -22.16
CA ARG B 67 6.10 -7.09 -23.27
C ARG B 67 5.25 -6.53 -24.40
N ASN B 68 4.57 -5.42 -24.12
CA ASN B 68 3.70 -4.76 -25.08
C ASN B 68 3.43 -3.33 -24.67
N ALA B 69 2.72 -2.60 -25.51
CA ALA B 69 2.39 -1.20 -25.28
C ALA B 69 1.61 -0.97 -23.98
N GLU B 70 0.67 -1.86 -23.70
CA GLU B 70 -0.16 -1.76 -22.50
C GLU B 70 0.70 -1.82 -21.24
N GLU B 71 1.67 -2.72 -21.23
CA GLU B 71 2.55 -2.86 -20.09
C GLU B 71 3.53 -1.71 -20.00
N ASN B 72 3.93 -1.19 -21.16
CA ASN B 72 4.86 -0.08 -21.21
C ASN B 72 4.20 1.13 -20.57
N LYS B 73 2.91 1.32 -20.86
CA LYS B 73 2.14 2.43 -20.30
C LYS B 73 2.02 2.26 -18.79
N ALA B 74 1.74 1.03 -18.36
CA ALA B 74 1.60 0.71 -16.94
C ALA B 74 2.87 1.03 -16.15
N ILE B 75 4.02 0.62 -16.68
CA ILE B 75 5.30 0.87 -16.05
C ILE B 75 5.53 2.38 -15.97
N GLN B 76 5.31 3.05 -17.11
CA GLN B 76 5.48 4.51 -17.20
C GLN B 76 4.70 5.24 -16.10
N GLU B 77 3.44 4.84 -15.91
CA GLU B 77 2.61 5.47 -14.91
C GLU B 77 3.03 5.16 -13.48
N VAL B 78 3.72 4.04 -13.28
CA VAL B 78 4.18 3.69 -11.93
C VAL B 78 5.46 4.45 -11.60
N ALA B 79 6.40 4.46 -12.53
CA ALA B 79 7.68 5.11 -12.32
C ALA B 79 7.57 6.62 -12.16
N LYS B 80 6.84 7.26 -13.07
CA LYS B 80 6.64 8.71 -13.08
C LYS B 80 7.92 9.49 -13.44
N THR B 81 9.06 8.81 -13.45
CA THR B 81 10.35 9.38 -13.82
C THR B 81 11.09 8.29 -14.59
N SER B 82 12.32 8.56 -15.02
CA SER B 82 13.10 7.57 -15.75
C SER B 82 13.40 6.36 -14.86
N ALA B 83 13.16 5.17 -15.41
CA ALA B 83 13.37 3.93 -14.67
C ALA B 83 14.01 2.83 -15.51
N PHE B 84 14.78 1.98 -14.86
CA PHE B 84 15.42 0.87 -15.56
C PHE B 84 14.39 -0.19 -15.93
N LEU B 85 14.65 -0.86 -17.03
CA LEU B 85 13.80 -1.96 -17.50
C LEU B 85 14.69 -3.19 -17.36
N GLY B 86 14.10 -4.38 -17.31
CA GLY B 86 14.89 -5.59 -17.17
C GLY B 86 15.40 -6.06 -18.51
N ILE B 87 16.11 -5.19 -19.23
CA ILE B 87 16.63 -5.50 -20.57
C ILE B 87 18.05 -4.94 -20.70
N THR B 88 18.99 -5.74 -21.17
CA THR B 88 20.36 -5.26 -21.33
C THR B 88 21.03 -5.95 -22.51
N ASP B 89 22.12 -5.36 -23.00
CA ASP B 89 22.91 -5.99 -24.05
C ASP B 89 24.33 -6.16 -23.52
N GLU B 90 24.42 -6.26 -22.19
CA GLU B 90 25.67 -6.42 -21.45
C GLU B 90 26.51 -7.60 -21.91
N VAL B 91 25.86 -8.71 -22.20
CA VAL B 91 26.56 -9.92 -22.64
C VAL B 91 26.99 -9.80 -24.09
N THR B 92 26.06 -9.43 -24.96
CA THR B 92 26.36 -9.30 -26.37
C THR B 92 25.85 -7.96 -26.91
N GLU B 93 26.79 -7.04 -27.12
CA GLU B 93 26.47 -5.72 -27.62
C GLU B 93 25.60 -5.75 -28.86
N GLY B 94 24.48 -5.03 -28.82
CA GLY B 94 23.57 -4.95 -29.94
C GLY B 94 22.36 -5.86 -29.83
N GLN B 95 22.50 -6.95 -29.08
CA GLN B 95 21.40 -7.88 -28.93
C GLN B 95 20.84 -7.75 -27.51
N PHE B 96 19.75 -7.00 -27.38
CA PHE B 96 19.13 -6.81 -26.09
C PHE B 96 18.37 -8.03 -25.66
N MET B 97 18.58 -8.41 -24.40
CA MET B 97 17.97 -9.59 -23.82
C MET B 97 17.29 -9.24 -22.50
N TYR B 98 16.19 -9.93 -22.20
CA TYR B 98 15.47 -9.74 -20.95
C TYR B 98 16.34 -10.34 -19.85
N VAL B 99 16.33 -9.75 -18.67
CA VAL B 99 17.13 -10.26 -17.55
C VAL B 99 16.67 -11.66 -17.10
N THR B 100 15.47 -12.07 -17.53
CA THR B 100 14.91 -13.37 -17.19
C THR B 100 15.05 -14.36 -18.35
N GLY B 101 15.74 -13.93 -19.40
CA GLY B 101 15.96 -14.79 -20.55
C GLY B 101 15.17 -14.39 -21.78
N GLY B 102 15.79 -14.58 -22.95
CA GLY B 102 15.11 -14.26 -24.18
C GLY B 102 15.49 -12.93 -24.81
N ARG B 103 15.23 -12.84 -26.11
CA ARG B 103 15.51 -11.66 -26.91
C ARG B 103 14.28 -10.78 -26.85
N LEU B 104 14.42 -9.51 -27.23
CA LEU B 104 13.28 -8.60 -27.22
C LEU B 104 12.17 -9.02 -28.16
N THR B 105 10.93 -8.90 -27.68
CA THR B 105 9.75 -9.21 -28.48
C THR B 105 9.03 -7.89 -28.76
N TYR B 106 9.24 -6.91 -27.87
CA TYR B 106 8.65 -5.58 -27.99
C TYR B 106 9.69 -4.56 -27.57
N SER B 107 9.73 -3.44 -28.26
CA SER B 107 10.66 -2.37 -27.94
C SER B 107 9.94 -1.05 -28.21
N ASN B 108 10.43 0.02 -27.61
CA ASN B 108 9.83 1.33 -27.78
C ASN B 108 10.94 2.37 -27.71
N TRP B 109 11.95 2.17 -28.55
CA TRP B 109 13.09 3.06 -28.59
C TRP B 109 12.77 4.46 -29.06
N LYS B 110 13.45 5.42 -28.46
CA LYS B 110 13.32 6.81 -28.82
C LYS B 110 14.16 6.97 -30.09
N LYS B 111 13.94 8.04 -30.84
CA LYS B 111 14.69 8.28 -32.08
C LYS B 111 16.18 8.31 -31.77
N ASP B 112 16.98 7.78 -32.70
CA ASP B 112 18.43 7.75 -32.55
C ASP B 112 18.93 6.77 -31.49
N GLU B 113 18.02 5.96 -30.96
CA GLU B 113 18.40 4.98 -29.94
C GLU B 113 18.06 3.60 -30.45
N PRO B 114 18.83 2.58 -30.01
CA PRO B 114 19.95 2.66 -29.09
C PRO B 114 21.26 3.10 -29.77
N ASN B 115 22.07 3.90 -29.08
CA ASN B 115 23.32 4.36 -29.67
C ASN B 115 24.60 3.87 -28.99
N ASP B 116 24.46 3.13 -27.90
CA ASP B 116 25.62 2.61 -27.14
C ASP B 116 26.61 3.76 -27.00
N HIS B 117 26.09 4.93 -26.65
CA HIS B 117 26.88 6.14 -26.53
C HIS B 117 28.16 6.09 -25.70
N GLY B 118 29.17 6.82 -26.19
CA GLY B 118 30.45 6.93 -25.52
C GLY B 118 31.12 5.64 -25.12
N SER B 119 31.41 5.51 -23.83
CA SER B 119 32.06 4.33 -23.29
C SER B 119 31.18 3.08 -23.43
N GLY B 120 29.96 3.26 -23.89
CA GLY B 120 29.05 2.15 -24.05
C GLY B 120 27.86 2.24 -23.11
N GLU B 121 26.71 1.81 -23.60
CA GLU B 121 25.47 1.82 -22.83
C GLU B 121 24.81 0.45 -23.01
N ASP B 122 24.76 -0.32 -21.94
CA ASP B 122 24.18 -1.65 -21.98
C ASP B 122 22.83 -1.85 -21.29
N CYS B 123 22.40 -0.87 -20.50
CA CYS B 123 21.10 -0.95 -19.83
C CYS B 123 20.07 -0.09 -20.55
N VAL B 124 18.81 -0.30 -20.20
CA VAL B 124 17.72 0.41 -20.85
C VAL B 124 16.85 1.12 -19.82
N THR B 125 16.45 2.33 -20.17
CA THR B 125 15.60 3.12 -19.31
C THR B 125 14.40 3.57 -20.10
N ILE B 126 13.26 3.54 -19.44
CA ILE B 126 12.03 4.03 -20.03
C ILE B 126 11.95 5.47 -19.53
N VAL B 127 12.18 6.41 -20.44
CA VAL B 127 12.19 7.84 -20.12
C VAL B 127 10.85 8.55 -20.29
N ASP B 128 10.90 9.74 -20.88
CA ASP B 128 9.73 10.56 -21.15
C ASP B 128 8.85 9.95 -22.22
N ASN B 129 7.55 10.14 -22.06
CA ASN B 129 6.54 9.65 -23.01
C ASN B 129 6.51 8.13 -23.12
N GLY B 130 7.32 7.45 -22.30
CA GLY B 130 7.37 6.00 -22.35
C GLY B 130 8.45 5.45 -23.27
N LEU B 131 9.11 6.33 -24.00
CA LEU B 131 10.16 5.92 -24.93
C LEU B 131 11.38 5.37 -24.20
N TRP B 132 12.18 4.58 -24.90
CA TRP B 132 13.36 3.96 -24.31
C TRP B 132 14.66 4.58 -24.78
N ASN B 133 15.68 4.48 -23.94
CA ASN B 133 17.00 4.98 -24.24
C ASN B 133 17.97 4.03 -23.55
N ASP B 134 19.05 3.66 -24.24
CA ASP B 134 20.03 2.78 -23.62
C ASP B 134 21.01 3.67 -22.87
N ILE B 135 21.40 3.25 -21.67
CA ILE B 135 22.34 4.02 -20.85
C ILE B 135 23.28 3.10 -20.09
N SER B 136 24.23 3.74 -19.41
CA SER B 136 25.19 3.03 -18.59
C SER B 136 24.41 2.42 -17.41
N CYS B 137 24.70 1.18 -17.09
CA CYS B 137 24.04 0.49 -16.00
C CYS B 137 24.43 1.10 -14.65
N GLN B 138 25.53 1.85 -14.65
CA GLN B 138 26.04 2.50 -13.44
C GLN B 138 25.30 3.79 -13.09
N LYS B 139 24.56 4.34 -14.05
CA LYS B 139 23.78 5.55 -13.81
C LYS B 139 22.66 5.15 -12.85
N LYS B 140 22.02 6.13 -12.22
CA LYS B 140 20.96 5.83 -11.26
C LYS B 140 19.57 6.21 -11.73
N LYS B 141 18.69 5.22 -11.82
CA LYS B 141 17.31 5.43 -12.26
C LYS B 141 16.37 4.76 -11.28
N THR B 142 15.10 5.10 -11.37
CA THR B 142 14.06 4.55 -10.51
C THR B 142 13.94 3.01 -10.58
N ALA B 143 13.80 2.39 -9.42
CA ALA B 143 13.65 0.95 -9.31
C ALA B 143 12.18 0.59 -9.40
N VAL B 144 11.81 -0.16 -10.43
CA VAL B 144 10.43 -0.61 -10.62
C VAL B 144 10.48 -2.13 -10.69
N CYS B 145 9.79 -2.78 -9.76
CA CYS B 145 9.77 -4.24 -9.74
C CYS B 145 8.46 -4.77 -10.32
N GLU B 146 8.52 -6.00 -10.81
CA GLU B 146 7.39 -6.67 -11.43
C GLU B 146 7.02 -7.94 -10.69
N PHE B 147 5.73 -8.16 -10.55
CA PHE B 147 5.20 -9.34 -9.88
C PHE B 147 4.15 -9.94 -10.79
N PRO B 148 3.94 -11.27 -10.71
CA PRO B 148 2.97 -12.01 -11.53
C PRO B 148 1.55 -11.43 -11.61
N ALA B 149 0.91 -11.73 -12.74
CA ALA B 149 -0.45 -11.30 -13.03
C ALA B 149 -1.45 -12.17 -12.26
N ALA C 1 11.02 -35.55 22.61
CA ALA C 1 11.04 -34.53 21.53
C ALA C 1 9.65 -34.26 20.96
N ILE C 2 9.02 -35.29 20.38
CA ILE C 2 7.69 -35.17 19.76
C ILE C 2 6.72 -34.16 20.40
N GLU C 3 6.43 -34.34 21.69
CA GLU C 3 5.52 -33.45 22.39
C GLU C 3 6.08 -32.05 22.55
N VAL C 4 7.40 -31.98 22.75
CA VAL C 4 8.07 -30.69 22.90
C VAL C 4 8.00 -29.95 21.57
N LYS C 5 8.30 -30.63 20.47
CA LYS C 5 8.26 -30.02 19.15
C LYS C 5 6.86 -29.58 18.81
N LEU C 6 5.88 -30.37 19.21
CA LEU C 6 4.49 -30.06 18.92
C LEU C 6 4.02 -28.83 19.70
N ALA C 7 4.37 -28.76 20.98
CA ALA C 7 3.99 -27.62 21.80
C ALA C 7 4.65 -26.34 21.26
N ASN C 8 5.90 -26.45 20.82
CA ASN C 8 6.61 -25.30 20.28
C ASN C 8 5.92 -24.82 19.02
N MET C 9 5.57 -25.76 18.14
CA MET C 9 4.91 -25.42 16.90
C MET C 9 3.63 -24.64 17.14
N GLU C 10 2.91 -25.01 18.20
CA GLU C 10 1.68 -24.33 18.55
C GLU C 10 1.99 -22.86 18.84
N ALA C 11 3.01 -22.62 19.66
CA ALA C 11 3.44 -21.26 19.99
C ALA C 11 3.90 -20.54 18.72
N GLU C 12 4.55 -21.28 17.81
CA GLU C 12 5.02 -20.72 16.54
C GLU C 12 3.84 -20.22 15.70
N ILE C 13 2.80 -21.05 15.63
CA ILE C 13 1.58 -20.71 14.87
C ILE C 13 0.89 -19.52 15.51
N ASN C 14 0.82 -19.50 16.83
CA ASN C 14 0.18 -18.40 17.55
C ASN C 14 0.95 -17.10 17.32
N THR C 15 2.28 -17.21 17.27
CA THR C 15 3.12 -16.05 17.04
C THR C 15 2.86 -15.54 15.62
N LEU C 16 2.77 -16.46 14.66
CA LEU C 16 2.50 -16.08 13.28
C LEU C 16 1.16 -15.40 13.11
N LYS C 17 0.14 -15.88 13.82
CA LYS C 17 -1.19 -15.28 13.77
C LYS C 17 -1.14 -13.82 14.22
N SER C 18 -0.40 -13.56 15.30
CA SER C 18 -0.28 -12.20 15.82
C SER C 18 0.44 -11.33 14.80
N LYS C 19 1.52 -11.86 14.23
CA LYS C 19 2.28 -11.12 13.24
C LYS C 19 1.45 -10.75 12.02
N LEU C 20 0.65 -11.69 11.53
CA LEU C 20 -0.18 -11.45 10.37
C LEU C 20 -1.25 -10.42 10.70
N GLU C 21 -1.77 -10.47 11.92
CA GLU C 21 -2.76 -9.51 12.37
C GLU C 21 -2.14 -8.12 12.31
N LEU C 22 -0.92 -8.01 12.82
CA LEU C 22 -0.17 -6.76 12.85
C LEU C 22 0.04 -6.24 11.43
N THR C 23 0.45 -7.13 10.54
CA THR C 23 0.67 -6.80 9.14
C THR C 23 -0.63 -6.23 8.54
N ASN C 24 -1.75 -6.87 8.84
CA ASN C 24 -3.03 -6.40 8.33
C ASN C 24 -3.37 -5.03 8.91
N LYS C 25 -3.09 -4.81 10.19
CA LYS C 25 -3.35 -3.52 10.82
C LYS C 25 -2.52 -2.44 10.13
N LEU C 26 -1.24 -2.71 9.94
CA LEU C 26 -0.34 -1.75 9.30
C LEU C 26 -0.73 -1.46 7.86
N HIS C 27 -1.19 -2.48 7.14
CA HIS C 27 -1.59 -2.28 5.76
C HIS C 27 -2.84 -1.42 5.67
N ALA C 28 -3.80 -1.65 6.57
CA ALA C 28 -5.04 -0.87 6.59
C ALA C 28 -4.69 0.59 6.91
N PHE C 29 -3.77 0.78 7.86
CA PHE C 29 -3.30 2.10 8.25
C PHE C 29 -2.67 2.81 7.03
N SER C 30 -1.85 2.08 6.29
CA SER C 30 -1.18 2.61 5.09
C SER C 30 -2.22 2.97 4.02
N MET C 31 -3.30 2.20 3.97
CA MET C 31 -4.39 2.41 3.01
C MET C 31 -5.27 3.58 3.41
N GLY C 32 -5.02 4.15 4.58
CA GLY C 32 -5.80 5.29 5.05
C GLY C 32 -6.95 5.02 6.00
N LYS C 33 -7.02 3.80 6.54
CA LYS C 33 -8.10 3.49 7.47
C LYS C 33 -8.04 4.37 8.72
N LYS C 34 -9.17 4.97 9.06
CA LYS C 34 -9.26 5.83 10.23
C LYS C 34 -9.77 4.95 11.36
N SER C 35 -9.36 5.25 12.58
CA SER C 35 -9.76 4.45 13.74
C SER C 35 -11.27 4.30 13.85
N GLY C 36 -11.72 3.06 14.06
CA GLY C 36 -13.14 2.79 14.20
C GLY C 36 -14.02 3.18 13.02
N LYS C 37 -13.41 3.46 11.86
CA LYS C 37 -14.16 3.83 10.66
C LYS C 37 -13.94 2.75 9.60
N LYS C 38 -14.95 2.51 8.78
CA LYS C 38 -14.82 1.50 7.72
C LYS C 38 -13.95 2.14 6.64
N PHE C 39 -13.22 1.33 5.88
CA PHE C 39 -12.41 1.95 4.85
C PHE C 39 -12.65 1.38 3.47
N PHE C 40 -12.47 2.25 2.48
CA PHE C 40 -12.70 1.94 1.08
C PHE C 40 -11.37 1.86 0.33
N VAL C 41 -11.25 0.91 -0.59
CA VAL C 41 -10.03 0.72 -1.36
C VAL C 41 -10.39 0.52 -2.82
N THR C 42 -9.52 0.95 -3.73
CA THR C 42 -9.75 0.77 -5.13
C THR C 42 -8.41 0.62 -5.84
N ASN C 43 -8.41 -0.14 -6.92
CA ASN C 43 -7.20 -0.32 -7.74
C ASN C 43 -7.37 0.60 -8.94
N HIS C 44 -8.50 1.33 -8.97
CA HIS C 44 -8.84 2.26 -10.06
C HIS C 44 -9.16 1.59 -11.40
N GLU C 45 -9.53 0.31 -11.34
CA GLU C 45 -9.88 -0.43 -12.53
C GLU C 45 -11.37 -0.30 -12.76
N ARG C 46 -11.75 -0.17 -14.03
CA ARG C 46 -13.14 -0.05 -14.37
C ARG C 46 -13.57 -1.40 -14.89
N MET C 47 -14.69 -1.91 -14.38
CA MET C 47 -15.20 -3.22 -14.79
C MET C 47 -16.71 -3.28 -14.56
N PRO C 48 -17.38 -4.32 -15.07
CA PRO C 48 -18.83 -4.42 -14.87
C PRO C 48 -19.11 -4.75 -13.40
N PHE C 49 -20.36 -4.53 -12.99
CA PHE C 49 -20.77 -4.76 -11.61
C PHE C 49 -20.50 -6.17 -11.10
N SER C 50 -20.84 -7.18 -11.89
CA SER C 50 -20.64 -8.57 -11.49
C SER C 50 -19.18 -8.81 -11.12
N LYS C 51 -18.28 -8.21 -11.89
CA LYS C 51 -16.85 -8.31 -11.68
C LYS C 51 -16.44 -7.65 -10.37
N VAL C 52 -16.98 -6.45 -10.13
CA VAL C 52 -16.70 -5.71 -8.90
C VAL C 52 -17.09 -6.60 -7.73
N LYS C 53 -18.34 -7.09 -7.74
CA LYS C 53 -18.85 -7.96 -6.69
C LYS C 53 -17.93 -9.14 -6.47
N ALA C 54 -17.55 -9.79 -7.55
CA ALA C 54 -16.67 -10.95 -7.50
C ALA C 54 -15.32 -10.60 -6.87
N LEU C 55 -14.74 -9.49 -7.31
CA LEU C 55 -13.45 -9.05 -6.82
C LEU C 55 -13.45 -8.70 -5.34
N CYS C 56 -14.42 -7.90 -4.90
CA CYS C 56 -14.47 -7.53 -3.49
C CYS C 56 -14.69 -8.76 -2.61
N SER C 57 -15.50 -9.72 -3.09
CA SER C 57 -15.74 -10.94 -2.33
C SER C 57 -14.45 -11.72 -2.19
N GLU C 58 -13.65 -11.71 -3.25
CA GLU C 58 -12.37 -12.40 -3.28
C GLU C 58 -11.41 -11.77 -2.27
N LEU C 59 -11.59 -10.48 -1.98
CA LEU C 59 -10.76 -9.76 -1.03
C LEU C 59 -11.40 -9.81 0.36
N ARG C 60 -12.51 -10.56 0.46
CA ARG C 60 -13.26 -10.69 1.71
C ARG C 60 -13.83 -9.35 2.15
N GLY C 61 -14.27 -8.56 1.18
CA GLY C 61 -14.87 -7.27 1.45
C GLY C 61 -16.19 -7.21 0.71
N THR C 62 -16.78 -6.03 0.61
CA THR C 62 -18.05 -5.84 -0.09
C THR C 62 -17.97 -4.60 -0.99
N VAL C 63 -18.82 -4.51 -2.01
CA VAL C 63 -18.82 -3.34 -2.89
C VAL C 63 -19.22 -2.16 -2.03
N ALA C 64 -18.47 -1.07 -2.12
CA ALA C 64 -18.70 0.13 -1.30
C ALA C 64 -20.14 0.57 -1.21
N ILE C 65 -20.59 0.80 0.02
CA ILE C 65 -21.95 1.25 0.28
C ILE C 65 -21.92 2.45 1.23
N PRO C 66 -22.51 3.60 0.81
CA PRO C 66 -22.54 4.79 1.64
C PRO C 66 -23.76 4.72 2.56
N ARG C 67 -23.55 4.74 3.87
CA ARG C 67 -24.66 4.69 4.83
C ARG C 67 -25.07 6.09 5.27
N ASN C 68 -24.27 7.09 4.91
CA ASN C 68 -24.55 8.47 5.27
C ASN C 68 -23.74 9.43 4.40
N ALA C 69 -23.98 10.72 4.58
CA ALA C 69 -23.30 11.76 3.82
C ALA C 69 -21.79 11.65 3.89
N GLU C 70 -21.30 11.31 5.09
CA GLU C 70 -19.88 11.17 5.36
C GLU C 70 -19.26 10.08 4.49
N GLU C 71 -19.79 8.86 4.61
CA GLU C 71 -19.28 7.72 3.83
C GLU C 71 -19.43 7.97 2.34
N ASN C 72 -20.51 8.66 1.97
CA ASN C 72 -20.77 8.96 0.58
C ASN C 72 -19.61 9.80 0.05
N LYS C 73 -19.19 10.78 0.85
CA LYS C 73 -18.07 11.65 0.49
C LYS C 73 -16.77 10.83 0.43
N ALA C 74 -16.56 10.01 1.45
CA ALA C 74 -15.38 9.16 1.55
C ALA C 74 -15.18 8.28 0.31
N ILE C 75 -16.25 7.62 -0.12
CA ILE C 75 -16.21 6.75 -1.30
C ILE C 75 -15.84 7.57 -2.54
N GLN C 76 -16.53 8.69 -2.71
CA GLN C 76 -16.30 9.57 -3.84
C GLN C 76 -14.84 10.00 -3.94
N GLU C 77 -14.24 10.27 -2.79
CA GLU C 77 -12.84 10.70 -2.73
C GLU C 77 -11.87 9.60 -3.11
N VAL C 78 -12.16 8.38 -2.68
CA VAL C 78 -11.31 7.22 -2.99
C VAL C 78 -11.37 6.88 -4.47
N ALA C 79 -12.58 6.72 -4.99
CA ALA C 79 -12.79 6.36 -6.39
C ALA C 79 -12.20 7.34 -7.39
N LYS C 80 -12.46 8.62 -7.16
CA LYS C 80 -11.99 9.72 -8.02
C LYS C 80 -12.81 9.83 -9.31
N THR C 81 -13.41 8.72 -9.73
CA THR C 81 -14.24 8.66 -10.93
C THR C 81 -15.50 7.86 -10.57
N SER C 82 -16.52 7.90 -11.43
CA SER C 82 -17.76 7.17 -11.14
C SER C 82 -17.52 5.69 -10.86
N ALA C 83 -17.91 5.27 -9.67
CA ALA C 83 -17.75 3.90 -9.21
C ALA C 83 -19.11 3.28 -8.91
N PHE C 84 -19.16 1.96 -8.92
CA PHE C 84 -20.40 1.24 -8.61
C PHE C 84 -20.54 1.20 -7.10
N LEU C 85 -21.78 1.20 -6.65
CA LEU C 85 -22.06 1.09 -5.21
C LEU C 85 -22.70 -0.28 -5.02
N GLY C 86 -22.65 -0.81 -3.80
CA GLY C 86 -23.24 -2.11 -3.54
C GLY C 86 -24.75 -1.99 -3.38
N ILE C 87 -25.39 -1.38 -4.37
CA ILE C 87 -26.83 -1.16 -4.36
C ILE C 87 -27.38 -1.43 -5.77
N THR C 88 -28.43 -2.25 -5.87
CA THR C 88 -29.06 -2.59 -7.15
C THR C 88 -30.52 -2.97 -6.94
N ASP C 89 -31.33 -2.83 -7.98
CA ASP C 89 -32.73 -3.23 -7.90
C ASP C 89 -32.93 -4.40 -8.86
N GLU C 90 -31.90 -5.23 -8.97
CA GLU C 90 -31.92 -6.41 -9.84
C GLU C 90 -33.04 -7.37 -9.48
N VAL C 91 -33.24 -7.57 -8.18
CA VAL C 91 -34.24 -8.51 -7.70
C VAL C 91 -35.66 -8.11 -8.05
N THR C 92 -36.00 -6.85 -7.80
CA THR C 92 -37.33 -6.35 -8.09
C THR C 92 -37.18 -4.92 -8.58
N GLU C 93 -37.50 -4.70 -9.85
CA GLU C 93 -37.40 -3.39 -10.46
C GLU C 93 -38.04 -2.34 -9.57
N GLY C 94 -37.31 -1.27 -9.31
CA GLY C 94 -37.83 -0.21 -8.49
C GLY C 94 -37.46 -0.32 -7.02
N GLN C 95 -37.16 -1.52 -6.54
CA GLN C 95 -36.79 -1.72 -5.14
C GLN C 95 -35.28 -1.89 -4.99
N PHE C 96 -34.58 -0.79 -4.74
CA PHE C 96 -33.12 -0.83 -4.55
C PHE C 96 -32.78 -1.41 -3.18
N MET C 97 -31.84 -2.35 -3.18
CA MET C 97 -31.41 -3.04 -1.99
C MET C 97 -29.89 -3.07 -1.91
N TYR C 98 -29.36 -3.29 -0.72
CA TYR C 98 -27.92 -3.39 -0.55
C TYR C 98 -27.55 -4.77 -1.07
N VAL C 99 -26.35 -4.92 -1.59
CA VAL C 99 -25.91 -6.22 -2.08
C VAL C 99 -25.74 -7.15 -0.87
N THR C 100 -25.54 -6.52 0.29
CA THR C 100 -25.38 -7.23 1.55
C THR C 100 -26.75 -7.56 2.13
N GLY C 101 -27.80 -7.02 1.52
CA GLY C 101 -29.16 -7.25 1.97
C GLY C 101 -29.82 -6.09 2.68
N GLY C 102 -31.12 -5.89 2.41
CA GLY C 102 -31.86 -4.82 3.05
C GLY C 102 -32.21 -3.62 2.19
N ARG C 103 -33.25 -2.90 2.59
CA ARG C 103 -33.70 -1.71 1.89
C ARG C 103 -32.76 -0.57 2.23
N LEU C 104 -32.80 0.48 1.42
CA LEU C 104 -31.93 1.64 1.64
C LEU C 104 -32.27 2.41 2.90
N THR C 105 -31.25 2.69 3.71
CA THR C 105 -31.41 3.46 4.93
C THR C 105 -31.03 4.90 4.65
N TYR C 106 -30.22 5.09 3.62
CA TYR C 106 -29.76 6.41 3.20
C TYR C 106 -29.66 6.36 1.69
N SER C 107 -29.83 7.51 1.05
CA SER C 107 -29.71 7.63 -0.40
C SER C 107 -29.48 9.08 -0.76
N ASN C 108 -28.84 9.33 -1.89
CA ASN C 108 -28.56 10.68 -2.34
C ASN C 108 -28.84 10.73 -3.84
N TRP C 109 -30.08 10.43 -4.20
CA TRP C 109 -30.50 10.39 -5.58
C TRP C 109 -30.59 11.76 -6.23
N LYS C 110 -30.12 11.85 -7.46
CA LYS C 110 -30.17 13.08 -8.22
C LYS C 110 -31.66 13.23 -8.60
N LYS C 111 -32.06 14.43 -9.02
CA LYS C 111 -33.46 14.66 -9.39
C LYS C 111 -33.89 13.77 -10.54
N ASP C 112 -35.05 13.13 -10.36
CA ASP C 112 -35.64 12.20 -11.33
C ASP C 112 -34.93 10.85 -11.44
N GLU C 113 -34.01 10.59 -10.51
CA GLU C 113 -33.30 9.33 -10.46
C GLU C 113 -33.80 8.62 -9.21
N PRO C 114 -33.82 7.28 -9.22
CA PRO C 114 -33.43 6.38 -10.31
C PRO C 114 -34.56 6.31 -11.36
N ASN C 115 -34.20 6.15 -12.63
CA ASN C 115 -35.21 6.12 -13.68
C ASN C 115 -35.26 4.91 -14.62
N ASP C 116 -34.39 3.93 -14.37
CA ASP C 116 -34.32 2.72 -15.18
C ASP C 116 -34.37 3.05 -16.66
N HIS C 117 -33.50 3.97 -17.06
CA HIS C 117 -33.46 4.46 -18.43
C HIS C 117 -33.28 3.48 -19.56
N GLY C 118 -34.08 3.69 -20.60
CA GLY C 118 -34.03 2.89 -21.82
C GLY C 118 -34.17 1.40 -21.59
N SER C 119 -33.15 0.65 -22.01
CA SER C 119 -33.13 -0.80 -21.87
C SER C 119 -33.09 -1.25 -20.40
N GLY C 120 -32.87 -0.30 -19.48
CA GLY C 120 -32.84 -0.64 -18.08
C GLY C 120 -31.54 -0.29 -17.40
N GLU C 121 -31.64 0.03 -16.10
CA GLU C 121 -30.49 0.38 -15.30
C GLU C 121 -30.77 -0.14 -13.90
N ASP C 122 -30.01 -1.15 -13.47
CA ASP C 122 -30.24 -1.74 -12.16
C ASP C 122 -29.10 -1.54 -11.16
N CYS C 123 -28.06 -0.84 -11.58
CA CYS C 123 -26.91 -0.59 -10.71
C CYS C 123 -26.85 0.90 -10.39
N VAL C 124 -26.06 1.28 -9.40
CA VAL C 124 -25.95 2.67 -8.98
C VAL C 124 -24.50 3.13 -8.91
N THR C 125 -24.26 4.35 -9.37
CA THR C 125 -22.93 4.91 -9.30
C THR C 125 -22.97 6.26 -8.62
N ILE C 126 -21.89 6.53 -7.92
CA ILE C 126 -21.75 7.80 -7.24
C ILE C 126 -21.04 8.66 -8.28
N VAL C 127 -21.76 9.64 -8.80
CA VAL C 127 -21.20 10.51 -9.82
C VAL C 127 -20.07 11.37 -9.25
N ASP C 128 -19.51 12.23 -10.10
CA ASP C 128 -18.40 13.09 -9.67
C ASP C 128 -18.89 14.35 -8.94
N ASN C 129 -19.85 14.18 -8.04
CA ASN C 129 -20.42 15.27 -7.24
C ASN C 129 -21.30 14.80 -6.08
N GLY C 130 -21.09 13.56 -5.64
CA GLY C 130 -21.83 13.01 -4.52
C GLY C 130 -23.19 12.41 -4.83
N LEU C 131 -23.90 12.97 -5.80
CA LEU C 131 -25.23 12.47 -6.18
C LEU C 131 -25.20 11.07 -6.75
N TRP C 132 -26.33 10.37 -6.67
CA TRP C 132 -26.41 9.01 -7.21
C TRP C 132 -27.19 9.01 -8.51
N ASN C 133 -26.95 7.96 -9.28
CA ASN C 133 -27.62 7.75 -10.55
C ASN C 133 -27.59 6.27 -10.83
N ASP C 134 -28.74 5.71 -11.21
CA ASP C 134 -28.78 4.30 -11.53
C ASP C 134 -28.29 4.17 -12.97
N ILE C 135 -27.45 3.18 -13.21
CA ILE C 135 -26.90 2.96 -14.53
C ILE C 135 -26.89 1.47 -14.82
N SER C 136 -26.55 1.13 -16.05
CA SER C 136 -26.48 -0.26 -16.46
C SER C 136 -25.38 -0.96 -15.70
N CYS C 137 -25.66 -2.19 -15.26
CA CYS C 137 -24.69 -2.99 -14.53
C CYS C 137 -23.57 -3.49 -15.44
N GLN C 138 -23.79 -3.42 -16.75
CA GLN C 138 -22.82 -3.87 -17.74
C GLN C 138 -21.75 -2.83 -18.00
N LYS C 139 -22.05 -1.57 -17.69
CA LYS C 139 -21.10 -0.50 -17.88
C LYS C 139 -19.88 -0.75 -17.00
N LYS C 140 -18.74 -0.23 -17.43
CA LYS C 140 -17.50 -0.40 -16.69
C LYS C 140 -17.29 0.80 -15.79
N LYS C 141 -17.38 0.58 -14.49
CA LYS C 141 -17.19 1.65 -13.55
C LYS C 141 -16.10 1.24 -12.56
N THR C 142 -15.52 2.23 -11.88
CA THR C 142 -14.44 1.98 -10.94
C THR C 142 -14.86 1.05 -9.79
N ALA C 143 -14.02 0.04 -9.54
CA ALA C 143 -14.25 -0.95 -8.47
C ALA C 143 -13.73 -0.42 -7.14
N VAL C 144 -14.64 -0.25 -6.17
CA VAL C 144 -14.27 0.25 -4.85
C VAL C 144 -14.81 -0.74 -3.83
N CYS C 145 -13.92 -1.37 -3.08
CA CYS C 145 -14.32 -2.33 -2.06
C CYS C 145 -14.31 -1.68 -0.68
N GLU C 146 -15.13 -2.24 0.20
CA GLU C 146 -15.29 -1.73 1.56
C GLU C 146 -14.96 -2.80 2.57
N PHE C 147 -14.24 -2.42 3.61
CA PHE C 147 -13.88 -3.33 4.68
C PHE C 147 -14.40 -2.70 5.96
N PRO C 148 -14.80 -3.52 6.94
CA PRO C 148 -15.34 -3.03 8.21
C PRO C 148 -14.47 -2.14 9.10
N ALA C 149 -15.15 -1.41 9.98
CA ALA C 149 -14.52 -0.51 10.94
C ALA C 149 -13.71 -1.32 11.94
C1 MAG D . 2.24 35.00 19.78
C2 MAG D . 2.67 33.53 19.72
C3 MAG D . 1.52 32.63 19.22
C4 MAG D . 0.22 32.93 19.98
C5 MAG D . -0.08 34.42 19.93
C6 MAG D . -1.34 34.81 20.69
C7 MAG D . 5.09 33.49 19.18
C8 MAG D . 6.06 33.29 18.03
N2 MAG D . 3.81 33.38 18.82
O1 MAG D . 3.26 35.78 20.33
O3 MAG D . 1.88 31.24 19.39
O4 MAG D . -0.88 32.21 19.38
O5 MAG D . 1.02 35.14 20.51
O6 MAG D . -1.25 34.45 22.06
O7 MAG D . 5.46 33.72 20.34
CM MAG D . 3.00 37.19 20.31
C1 FUC D . 2.27 30.58 18.22
C2 FUC D . 2.86 29.22 18.56
C3 FUC D . 1.80 28.31 19.15
C4 FUC D . 0.58 28.23 18.22
C5 FUC D . 0.09 29.63 17.81
C6 FUC D . -0.96 29.58 16.71
O2 FUC D . 3.94 29.36 19.47
O3 FUC D . 2.34 27.01 19.31
O4 FUC D . 0.93 27.49 17.05
O5 FUC D . 1.20 30.43 17.31
C1 SGA D . -1.75 31.56 20.24
C2 SGA D . -3.02 31.20 19.49
C3 SGA D . -3.95 30.38 20.37
C4 SGA D . -3.21 29.14 20.85
C5 SGA D . -1.91 29.55 21.57
C6 SGA D . -1.07 28.34 21.95
O2 SGA D . -3.68 32.40 19.09
O3 SGA D . -5.11 29.99 19.61
O4 SGA D . -2.91 28.31 19.74
O5 SGA D . -1.09 30.37 20.71
O6 SGA D . -1.81 27.40 22.72
S SGA D . -6.55 30.27 20.22
O1S SGA D . -7.48 29.77 19.24
O2S SGA D . -6.61 31.70 20.40
O3S SGA D . -6.58 29.53 21.48
C1 NAG E . -33.36 12.02 -20.45
C2 NAG E . -32.77 11.06 -19.40
C3 NAG E . -31.27 10.84 -19.66
C4 NAG E . -31.08 10.38 -21.11
C5 NAG E . -31.73 11.37 -22.08
C6 NAG E . -31.67 10.95 -23.54
C7 NAG E . -34.15 11.36 -17.41
C8 NAG E . -34.20 11.96 -16.01
N2 NAG E . -33.00 11.56 -18.06
O1 NAG E . -34.73 12.21 -20.20
O3 NAG E . -30.78 9.83 -18.75
O4 NAG E . -29.68 10.21 -21.42
O5 NAG E . -33.12 11.53 -21.76
O6 NAG E . -32.80 11.42 -24.27
O7 NAG E . -35.08 10.72 -17.89
C1 FUC E . -29.89 10.24 -17.74
C2 FUC E . -29.75 9.14 -16.68
C3 FUC E . -29.08 7.91 -17.28
C4 FUC E . -27.75 8.29 -17.93
C5 FUC E . -27.92 9.47 -18.89
C6 FUC E . -26.59 10.00 -19.39
O2 FUC E . -31.02 8.78 -16.16
O3 FUC E . -28.86 6.95 -16.25
O4 FUC E . -26.80 8.58 -16.94
O5 FUC E . -28.60 10.57 -18.24
C1 SGA E . -29.33 9.05 -22.10
C2 SGA E . -27.93 9.21 -22.71
C3 SGA E . -27.51 7.90 -23.38
C4 SGA E . -27.60 6.76 -22.39
C5 SGA E . -29.02 6.70 -21.80
C6 SGA E . -29.18 5.61 -20.75
O2 SGA E . -27.92 10.26 -23.65
O3 SGA E . -26.15 8.03 -23.86
O4 SGA E . -26.66 6.99 -21.36
O5 SGA E . -29.37 7.96 -21.18
O6 SGA E . -28.09 5.56 -19.85
S SGA E . -25.70 7.19 -25.14
O1S SGA E . -24.27 7.28 -25.19
O2S SGA E . -26.35 7.84 -26.26
O3S SGA E . -26.17 5.86 -24.92
CA CA F . 7.42 22.82 26.93
CA CA G . 4.83 27.15 20.25
CA CA H . 6.02 21.55 30.40
CA CA I . 1.88 -16.96 -1.97
CL CL J . 1.39 20.13 26.38
C1 FUC K . 22.87 10.86 -25.71
C2 FUC K . 21.99 9.76 -25.08
C3 FUC K . 22.74 8.96 -24.05
C4 FUC K . 23.34 9.91 -23.01
C5 FUC K . 24.15 11.03 -23.68
C6 FUC K . 24.62 12.11 -22.70
O2 FUC K . 21.56 8.86 -26.08
O3 FUC K . 21.87 8.03 -23.41
O4 FUC K . 22.31 10.48 -22.21
O5 FUC K . 23.38 11.70 -24.70
CA CA L . 25.03 -1.57 -25.65
CA CA M . 21.71 6.06 -25.49
CA CA N . 28.25 -3.25 -24.50
CL CL O . 26.83 -0.13 -19.51
CA CA P . -33.81 -0.65 -12.43
CA CA Q . -30.49 6.70 -14.48
CA CA R . -34.52 -4.25 -13.84
CL CL S . -28.78 -3.09 -15.60
#